data_6D2Z
#
_entry.id   6D2Z
#
_cell.length_a   41.393
_cell.length_b   51.045
_cell.length_c   46.299
_cell.angle_alpha   90.00
_cell.angle_beta   105.88
_cell.angle_gamma   90.00
#
_symmetry.space_group_name_H-M   'P 1 21 1'
#
loop_
_entity.id
_entity.type
_entity.pdbx_description
1 polymer 'U6 snRNA phosphodiesterase'
2 polymer "5'-R(UP*A)-3')"
3 non-polymer 'CHLORIDE ION'
4 water water
#
loop_
_entity_poly.entity_id
_entity_poly.type
_entity_poly.pdbx_seq_one_letter_code
_entity_poly.pdbx_strand_id
1 'polypeptide(L)'
;GAHMGNWATHVYVPYEAKEEFLDLLDVLLPHAQTYVPRLVRMKVFHLSLSQSVVLRHHWILPFVQALKARMTSFHRFFFT
ANQVKIYTNQEKTRTFIGLEVTSGHAQFLDLVSEVDRVMEEFNLTTFYQDPSFQLSLAWCVGDARLQLEGQCLQELQAIV
DGFEDAEVLLRVHTEQVRCKSGNKFFSMPLK
;
A
2 'polyribonucleotide' UA C
#
# COMPACT_ATOMS: atom_id res chain seq x y z
N MET A 4 26.07 0.21 -13.37
CA MET A 4 24.91 1.03 -13.00
C MET A 4 24.05 0.20 -12.01
N GLY A 5 23.86 -1.08 -12.36
CA GLY A 5 23.04 -1.99 -11.59
C GLY A 5 21.58 -1.99 -12.01
N ASN A 6 20.84 -2.95 -11.43
CA ASN A 6 19.38 -3.06 -11.56
C ASN A 6 18.75 -2.71 -10.21
N TRP A 7 17.75 -1.86 -10.27
CA TRP A 7 17.24 -1.20 -9.10
C TRP A 7 15.81 -1.60 -8.84
N ALA A 8 15.52 -1.94 -7.61
CA ALA A 8 14.17 -2.33 -7.19
C ALA A 8 13.26 -1.14 -7.29
N THR A 9 12.18 -1.27 -8.04
CA THR A 9 11.31 -0.19 -8.40
C THR A 9 9.90 -0.57 -8.05
N HIS A 10 9.19 0.34 -7.43
CA HIS A 10 7.85 0.12 -6.96
C HIS A 10 7.09 1.41 -6.98
N VAL A 11 5.85 1.38 -7.42
CA VAL A 11 5.00 2.53 -7.53
C VAL A 11 3.87 2.39 -6.55
N TYR A 12 3.55 3.46 -5.85
CA TYR A 12 2.54 3.39 -4.78
C TYR A 12 1.92 4.73 -4.56
N VAL A 13 0.87 4.70 -3.78
CA VAL A 13 0.20 5.90 -3.29
C VAL A 13 0.56 6.05 -1.81
N PRO A 14 1.38 7.01 -1.46
CA PRO A 14 1.63 7.29 -0.03
C PRO A 14 0.37 7.60 0.70
N TYR A 15 0.35 7.25 1.98
CA TYR A 15 -0.69 7.60 2.91
C TYR A 15 -0.06 8.53 3.93
N GLU A 16 -0.59 9.72 4.01
CA GLU A 16 0.01 10.74 4.87
C GLU A 16 -0.51 10.63 6.27
N ALA A 17 0.06 9.67 6.99
CA ALA A 17 -0.32 9.36 8.34
C ALA A 17 -0.08 10.51 9.25
N LYS A 18 -1.04 10.74 10.09
CA LYS A 18 -0.97 11.73 11.13
C LYS A 18 -1.25 11.10 12.47
N GLU A 19 -1.37 11.93 13.48
CA GLU A 19 -1.37 11.43 14.84
C GLU A 19 -2.52 10.47 15.10
N GLU A 20 -3.71 10.78 14.63
CA GLU A 20 -4.85 9.91 14.91
C GLU A 20 -4.62 8.52 14.38
N PHE A 21 -4.14 8.41 13.17
CA PHE A 21 -3.86 7.11 12.59
C PHE A 21 -2.76 6.42 13.33
N LEU A 22 -1.68 7.14 13.63
CA LEU A 22 -0.57 6.50 14.31
C LEU A 22 -0.97 6.05 15.70
N ASP A 23 -1.80 6.83 16.39
CA ASP A 23 -2.32 6.45 17.70
C ASP A 23 -3.27 5.28 17.63
N LEU A 24 -4.06 5.17 16.55
CA LEU A 24 -4.86 3.98 16.35
C LEU A 24 -3.99 2.75 16.15
N LEU A 25 -2.93 2.92 15.37
CA LEU A 25 -2.01 1.83 15.18
C LEU A 25 -1.31 1.44 16.47
N ASP A 26 -1.11 2.40 17.35
CA ASP A 26 -0.60 2.11 18.68
C ASP A 26 -1.49 1.20 19.49
N VAL A 27 -2.75 1.09 19.11
CA VAL A 27 -3.65 0.13 19.75
C VAL A 27 -3.72 -1.14 18.93
N LEU A 28 -3.87 -1.03 17.60
CA LEU A 28 -4.03 -2.23 16.81
C LEU A 28 -2.81 -3.13 16.91
N LEU A 29 -1.62 -2.54 16.81
CA LEU A 29 -0.43 -3.36 16.74
C LEU A 29 -0.21 -4.14 18.01
N PRO A 30 -0.27 -3.57 19.21
CA PRO A 30 -0.12 -4.42 20.38
C PRO A 30 -1.21 -5.44 20.50
N HIS A 31 -2.42 -5.12 20.04
CA HIS A 31 -3.47 -6.13 20.04
C HIS A 31 -3.05 -7.33 19.21
N ALA A 32 -2.58 -7.07 17.98
CA ALA A 32 -2.14 -8.14 17.12
C ALA A 32 -0.95 -8.85 17.71
N GLN A 33 -0.09 -8.12 18.44
CA GLN A 33 1.10 -8.70 19.02
C GLN A 33 0.78 -9.62 20.19
N THR A 34 -0.43 -9.57 20.75
CA THR A 34 -0.80 -10.58 21.72
C THR A 34 -1.00 -11.93 21.07
N TYR A 35 -1.17 -11.97 19.75
CA TYR A 35 -1.25 -13.18 18.95
C TYR A 35 0.07 -13.48 18.32
N VAL A 36 0.74 -12.50 17.76
CA VAL A 36 2.02 -12.68 17.07
C VAL A 36 2.94 -11.55 17.52
N PRO A 37 3.69 -11.75 18.59
CA PRO A 37 4.55 -10.68 19.11
C PRO A 37 5.52 -10.12 18.13
N ARG A 38 6.00 -10.92 17.18
CA ARG A 38 7.07 -10.45 16.33
C ARG A 38 6.62 -9.52 15.23
N LEU A 39 5.34 -9.22 15.14
CA LEU A 39 4.91 -8.19 14.22
C LEU A 39 5.69 -6.92 14.45
N VAL A 40 5.97 -6.24 13.34
CA VAL A 40 6.70 -4.98 13.29
C VAL A 40 5.82 -3.98 12.59
N ARG A 41 5.76 -2.78 13.12
CA ARG A 41 4.99 -1.72 12.50
C ARG A 41 5.68 -1.31 11.23
N MET A 42 4.89 -0.98 10.19
CA MET A 42 5.48 -0.32 9.04
C MET A 42 6.00 1.05 9.45
N LYS A 43 7.05 1.47 8.77
CA LYS A 43 7.63 2.78 9.03
C LYS A 43 6.91 3.87 8.26
N VAL A 44 6.51 3.58 7.06
CA VAL A 44 5.72 4.48 6.26
C VAL A 44 4.60 3.65 5.65
N PHE A 45 3.65 4.36 5.14
CA PHE A 45 2.39 3.76 4.82
C PHE A 45 2.05 4.14 3.38
N HIS A 46 1.57 3.16 2.66
CA HIS A 46 1.24 3.43 1.27
C HIS A 46 0.43 2.26 0.73
N LEU A 47 -0.16 2.50 -0.42
CA LEU A 47 -0.91 1.48 -1.12
C LEU A 47 -0.24 1.22 -2.46
N SER A 48 0.15 -0.03 -2.67
CA SER A 48 0.87 -0.39 -3.87
C SER A 48 0.03 -0.27 -5.12
N LEU A 49 0.68 0.24 -6.19
CA LEU A 49 0.16 0.28 -7.54
C LEU A 49 0.95 -0.59 -8.49
N SER A 50 1.92 -1.34 -8.01
CA SER A 50 2.72 -2.16 -8.91
C SER A 50 3.34 -3.29 -8.15
N GLN A 51 3.80 -4.29 -8.88
CA GLN A 51 4.71 -5.24 -8.34
C GLN A 51 6.04 -4.53 -8.06
N SER A 52 6.90 -5.18 -7.28
CA SER A 52 8.27 -4.74 -7.17
C SER A 52 8.99 -5.33 -8.34
N VAL A 53 9.54 -4.47 -9.13
CA VAL A 53 10.17 -4.88 -10.37
C VAL A 53 11.59 -4.40 -10.25
N VAL A 54 12.42 -4.72 -11.24
CA VAL A 54 13.75 -4.19 -11.29
C VAL A 54 13.89 -3.44 -12.60
N LEU A 55 14.59 -2.36 -12.56
CA LEU A 55 14.83 -1.50 -13.67
C LEU A 55 16.33 -1.22 -13.76
N ARG A 56 16.87 -1.26 -14.97
CA ARG A 56 18.24 -0.89 -15.15
C ARG A 56 18.38 0.58 -14.81
N HIS A 57 19.49 0.93 -14.19
CA HIS A 57 19.68 2.26 -13.62
C HIS A 57 19.45 3.37 -14.66
N HIS A 58 19.86 3.12 -15.89
CA HIS A 58 19.71 4.09 -16.93
C HIS A 58 18.27 4.50 -17.12
N TRP A 59 17.33 3.63 -16.85
CA TRP A 59 15.93 3.88 -17.11
C TRP A 59 15.16 4.46 -15.93
N ILE A 60 15.81 4.72 -14.79
CA ILE A 60 15.06 5.18 -13.64
C ILE A 60 14.45 6.52 -13.93
N LEU A 61 15.28 7.50 -14.28
CA LEU A 61 14.68 8.82 -14.48
C LEU A 61 13.69 8.84 -15.64
N PRO A 62 13.95 8.21 -16.78
CA PRO A 62 12.92 8.14 -17.82
C PRO A 62 11.63 7.48 -17.36
N PHE A 63 11.73 6.45 -16.51
CA PHE A 63 10.56 5.78 -15.98
C PHE A 63 9.77 6.71 -15.10
N VAL A 64 10.48 7.43 -14.24
CA VAL A 64 9.83 8.39 -13.36
C VAL A 64 9.17 9.49 -14.17
N GLN A 65 9.82 9.96 -15.22
CA GLN A 65 9.22 11.00 -16.01
C GLN A 65 8.01 10.48 -16.77
N ALA A 66 8.04 9.22 -17.19
CA ALA A 66 6.89 8.62 -17.83
C ALA A 66 5.73 8.56 -16.87
N LEU A 67 5.99 8.18 -15.63
CA LEU A 67 4.95 8.17 -14.61
C LEU A 67 4.40 9.54 -14.36
N LYS A 68 5.29 10.51 -14.20
CA LYS A 68 4.87 11.87 -13.95
C LYS A 68 3.94 12.34 -15.03
N ALA A 69 4.27 12.04 -16.27
CA ALA A 69 3.46 12.56 -17.34
C ALA A 69 2.06 11.98 -17.28
N ARG A 70 1.94 10.71 -16.90
CA ARG A 70 0.63 10.07 -16.81
C ARG A 70 -0.10 10.46 -15.54
N MET A 71 0.61 10.47 -14.41
CA MET A 71 -0.06 10.62 -13.14
C MET A 71 -0.53 12.03 -12.96
N THR A 72 0.14 12.96 -13.63
CA THR A 72 -0.10 14.38 -13.47
C THR A 72 -1.51 14.77 -13.84
N SER A 73 -2.12 14.06 -14.79
CA SER A 73 -3.48 14.35 -15.24
C SER A 73 -4.59 13.65 -14.43
N PHE A 74 -4.22 12.80 -13.53
CA PHE A 74 -5.13 12.00 -12.74
C PHE A 74 -5.53 12.77 -11.49
N HIS A 75 -6.84 12.89 -11.24
CA HIS A 75 -7.24 13.71 -10.10
C HIS A 75 -7.10 12.99 -8.76
N ARG A 76 -6.94 13.81 -7.70
CA ARG A 76 -7.05 13.31 -6.36
C ARG A 76 -8.44 12.70 -6.20
N PHE A 77 -8.57 11.84 -5.21
CA PHE A 77 -9.84 11.19 -4.98
C PHE A 77 -9.90 10.69 -3.55
N PHE A 78 -11.04 10.22 -3.16
CA PHE A 78 -11.26 9.74 -1.82
C PHE A 78 -11.41 8.24 -1.85
N PHE A 79 -10.88 7.60 -0.85
CA PHE A 79 -11.07 6.17 -0.65
C PHE A 79 -11.32 5.84 0.78
N THR A 80 -11.81 4.62 0.97
CA THR A 80 -12.02 4.04 2.26
C THR A 80 -11.11 2.83 2.40
N ALA A 81 -10.40 2.74 3.51
CA ALA A 81 -9.58 1.59 3.82
C ALA A 81 -9.75 1.27 5.29
N ASN A 82 -10.79 0.53 5.57
CA ASN A 82 -11.12 0.21 6.92
C ASN A 82 -11.43 -1.26 7.14
N GLN A 83 -11.11 -2.12 6.18
CA GLN A 83 -11.38 -3.54 6.29
C GLN A 83 -10.06 -4.25 6.57
N VAL A 84 -9.90 -4.74 7.78
CA VAL A 84 -8.64 -5.36 8.13
C VAL A 84 -8.52 -6.66 7.39
N LYS A 85 -7.32 -6.91 6.91
CA LYS A 85 -6.99 -8.09 6.17
C LYS A 85 -5.62 -8.60 6.57
N ILE A 86 -5.49 -9.91 6.58
CA ILE A 86 -4.28 -10.63 6.74
C ILE A 86 -3.87 -11.22 5.43
N TYR A 87 -2.63 -11.05 5.04
CA TYR A 87 -2.19 -11.53 3.73
C TYR A 87 -0.70 -11.83 3.83
N THR A 88 -0.21 -12.60 2.92
CA THR A 88 1.20 -12.93 2.88
C THR A 88 1.77 -12.49 1.53
N ASN A 89 3.07 -12.53 1.42
CA ASN A 89 3.68 -12.45 0.11
C ASN A 89 3.50 -13.78 -0.58
N GLN A 90 3.96 -13.83 -1.84
CA GLN A 90 3.73 -14.99 -2.68
C GLN A 90 4.36 -16.24 -2.09
N GLU A 91 5.60 -16.12 -1.58
CA GLU A 91 6.35 -17.27 -1.07
C GLU A 91 5.90 -17.67 0.33
N LYS A 92 4.99 -16.91 0.95
CA LYS A 92 4.51 -17.19 2.33
C LYS A 92 5.63 -17.06 3.36
N THR A 93 6.57 -16.15 3.08
CA THR A 93 7.66 -15.88 4.00
C THR A 93 7.53 -14.56 4.72
N ARG A 94 6.47 -13.81 4.41
CA ARG A 94 6.13 -12.62 5.17
C ARG A 94 4.63 -12.53 5.29
N THR A 95 4.16 -12.13 6.44
CA THR A 95 2.74 -11.90 6.68
C THR A 95 2.53 -10.45 6.98
N PHE A 96 1.42 -9.92 6.53
CA PHE A 96 1.02 -8.53 6.70
C PHE A 96 -0.35 -8.41 7.29
N ILE A 97 -0.52 -7.34 8.07
CA ILE A 97 -1.81 -6.84 8.48
C ILE A 97 -1.99 -5.57 7.71
N GLY A 98 -3.11 -5.46 7.01
CA GLY A 98 -3.40 -4.24 6.32
C GLY A 98 -4.86 -3.91 6.30
N LEU A 99 -5.16 -2.79 5.71
CA LEU A 99 -6.50 -2.30 5.53
C LEU A 99 -6.82 -2.27 4.07
N GLU A 100 -7.78 -3.07 3.68
CA GLU A 100 -8.18 -3.17 2.29
C GLU A 100 -9.06 -2.04 1.89
N VAL A 101 -8.80 -1.52 0.71
CA VAL A 101 -9.61 -0.46 0.14
C VAL A 101 -10.93 -1.02 -0.33
N THR A 102 -12.01 -0.32 0.00
CA THR A 102 -13.34 -0.62 -0.54
C THR A 102 -13.70 0.53 -1.47
N SER A 103 -14.45 1.53 -1.03
CA SER A 103 -14.74 2.67 -1.87
CA SER A 103 -14.75 2.69 -1.84
C SER A 103 -13.42 3.25 -2.30
N GLY A 104 -13.32 3.62 -3.55
CA GLY A 104 -12.13 4.17 -4.11
C GLY A 104 -11.32 3.15 -4.88
N HIS A 105 -11.66 1.88 -4.75
CA HIS A 105 -10.98 0.84 -5.45
C HIS A 105 -10.94 1.10 -6.93
N ALA A 106 -12.05 1.55 -7.47
CA ALA A 106 -12.12 1.78 -8.91
C ALA A 106 -11.10 2.81 -9.34
N GLN A 107 -10.92 3.88 -8.55
CA GLN A 107 -9.93 4.92 -8.84
C GLN A 107 -8.51 4.38 -8.74
N PHE A 108 -8.25 3.48 -7.80
CA PHE A 108 -6.98 2.82 -7.76
C PHE A 108 -6.77 1.98 -9.01
N LEU A 109 -7.81 1.30 -9.47
CA LEU A 109 -7.67 0.52 -10.69
C LEU A 109 -7.30 1.41 -11.86
N ASP A 110 -7.90 2.59 -11.96
CA ASP A 110 -7.51 3.51 -13.02
C ASP A 110 -6.06 3.90 -12.87
N LEU A 111 -5.59 4.19 -11.64
CA LEU A 111 -4.16 4.46 -11.47
C LEU A 111 -3.31 3.30 -11.93
N VAL A 112 -3.70 2.10 -11.55
CA VAL A 112 -2.95 0.93 -11.97
C VAL A 112 -2.90 0.80 -13.49
N SER A 113 -3.99 1.11 -14.13
CA SER A 113 -3.98 0.97 -15.58
C SER A 113 -2.88 1.88 -16.17
N GLU A 114 -2.70 3.06 -15.62
CA GLU A 114 -1.64 3.93 -16.10
C GLU A 114 -0.28 3.42 -15.72
N VAL A 115 -0.12 2.98 -14.49
CA VAL A 115 1.18 2.44 -14.13
C VAL A 115 1.52 1.24 -14.98
N ASP A 116 0.55 0.38 -15.19
CA ASP A 116 0.80 -0.81 -16.04
C ASP A 116 1.25 -0.40 -17.44
N ARG A 117 0.71 0.69 -17.94
CA ARG A 117 1.16 1.10 -19.25
C ARG A 117 2.61 1.51 -19.22
N VAL A 118 3.02 2.21 -18.17
CA VAL A 118 4.41 2.59 -18.05
C VAL A 118 5.26 1.36 -17.85
N MET A 119 4.78 0.39 -17.06
CA MET A 119 5.52 -0.82 -16.94
C MET A 119 5.76 -1.44 -18.29
N GLU A 120 4.71 -1.54 -19.11
CA GLU A 120 4.85 -2.15 -20.44
C GLU A 120 5.83 -1.36 -21.30
N GLU A 121 5.79 -0.07 -21.17
CA GLU A 121 6.70 0.79 -21.90
C GLU A 121 8.15 0.53 -21.58
N PHE A 122 8.40 0.02 -20.40
CA PHE A 122 9.76 -0.28 -20.01
C PHE A 122 10.00 -1.77 -19.90
N ASN A 123 9.12 -2.57 -20.50
CA ASN A 123 9.15 -4.07 -20.33
C ASN A 123 9.07 -4.62 -18.91
N LEU A 124 8.26 -4.06 -18.05
CA LEU A 124 8.15 -4.49 -16.69
C LEU A 124 6.79 -5.19 -16.52
N THR A 125 6.72 -6.02 -15.47
CA THR A 125 5.50 -6.79 -15.21
C THR A 125 4.43 -5.80 -14.80
N THR A 126 3.24 -6.05 -15.29
CA THR A 126 2.11 -5.22 -14.96
C THR A 126 1.51 -5.76 -13.68
N PHE A 127 0.42 -5.15 -13.22
CA PHE A 127 -0.02 -5.39 -11.84
C PHE A 127 -0.67 -6.79 -11.66
N TYR A 128 -0.91 -7.12 -10.36
CA TYR A 128 -1.43 -8.43 -9.93
C TYR A 128 -2.69 -8.76 -10.73
N GLN A 129 -2.84 -10.03 -11.12
CA GLN A 129 -4.03 -10.45 -11.88
C GLN A 129 -5.33 -10.41 -11.06
N ASP A 130 -5.24 -10.42 -9.73
CA ASP A 130 -6.37 -10.26 -8.82
C ASP A 130 -6.16 -8.96 -8.04
N PRO A 131 -6.42 -7.82 -8.65
CA PRO A 131 -6.03 -6.59 -7.94
C PRO A 131 -6.75 -6.41 -6.60
N SER A 132 -5.98 -6.04 -5.61
CA SER A 132 -6.58 -5.61 -4.34
C SER A 132 -5.71 -4.48 -3.99
N PHE A 133 -6.22 -3.54 -3.19
CA PHE A 133 -5.37 -2.44 -2.75
C PHE A 133 -5.46 -2.43 -1.25
N GLN A 134 -4.31 -2.29 -0.62
CA GLN A 134 -4.35 -2.29 0.81
C GLN A 134 -3.23 -1.44 1.33
N LEU A 135 -3.54 -0.92 2.50
CA LEU A 135 -2.64 -0.11 3.27
C LEU A 135 -2.05 -1.03 4.32
N SER A 136 -0.81 -1.38 4.18
CA SER A 136 -0.14 -2.30 5.13
C SER A 136 0.17 -1.57 6.41
N LEU A 137 -0.11 -2.21 7.53
CA LEU A 137 0.12 -1.64 8.83
C LEU A 137 1.30 -2.26 9.55
N ALA A 138 1.52 -3.54 9.38
CA ALA A 138 2.53 -4.28 10.12
C ALA A 138 2.85 -5.53 9.33
N TRP A 139 3.97 -6.13 9.66
CA TRP A 139 4.42 -7.32 8.98
C TRP A 139 5.21 -8.18 9.95
N CYS A 140 5.38 -9.43 9.58
CA CYS A 140 6.28 -10.29 10.30
C CYS A 140 6.86 -11.28 9.36
N VAL A 141 7.97 -11.86 9.78
CA VAL A 141 8.55 -12.94 9.02
C VAL A 141 7.71 -14.19 9.21
N GLY A 142 7.70 -15.01 8.20
CA GLY A 142 7.00 -16.25 8.22
C GLY A 142 5.56 -16.06 7.86
N ASP A 143 4.85 -17.17 7.97
CA ASP A 143 3.44 -17.27 7.62
C ASP A 143 2.65 -17.36 8.94
N ALA A 144 2.08 -16.25 9.34
CA ALA A 144 1.33 -16.16 10.58
C ALA A 144 -0.15 -15.97 10.30
N ARG A 145 -0.62 -16.37 9.15
CA ARG A 145 -2.03 -16.24 8.83
C ARG A 145 -2.90 -16.94 9.85
N LEU A 146 -2.58 -18.17 10.20
CA LEU A 146 -3.49 -18.90 11.07
C LEU A 146 -3.65 -18.21 12.41
N GLN A 147 -2.59 -17.57 12.92
CA GLN A 147 -2.64 -16.95 14.22
C GLN A 147 -3.40 -15.64 14.19
N LEU A 148 -3.40 -14.98 13.05
CA LEU A 148 -3.96 -13.65 12.92
C LEU A 148 -5.38 -13.64 12.37
N GLU A 149 -5.71 -14.64 11.57
CA GLU A 149 -7.04 -14.73 11.02
C GLU A 149 -7.97 -15.25 12.11
N GLY A 150 -9.23 -15.10 11.96
CA GLY A 150 -10.06 -15.58 13.05
C GLY A 150 -10.16 -14.55 14.15
N GLN A 151 -10.02 -14.98 15.43
CA GLN A 151 -10.34 -14.09 16.56
C GLN A 151 -9.57 -12.77 16.55
N CYS A 152 -8.26 -12.82 16.26
CA CYS A 152 -7.48 -11.62 16.23
C CYS A 152 -8.03 -10.67 15.19
N LEU A 153 -8.25 -11.15 13.97
CA LEU A 153 -8.77 -10.32 12.92
C LEU A 153 -10.10 -9.68 13.33
N GLN A 154 -11.01 -10.49 13.88
CA GLN A 154 -12.29 -9.96 14.30
C GLN A 154 -12.11 -8.83 15.31
N GLU A 155 -11.21 -9.01 16.25
CA GLU A 155 -10.98 -7.99 17.27
C GLU A 155 -10.33 -6.75 16.68
N LEU A 156 -9.41 -6.91 15.72
CA LEU A 156 -8.84 -5.76 15.04
C LEU A 156 -9.92 -5.01 14.29
N GLN A 157 -10.78 -5.78 13.57
CA GLN A 157 -11.85 -5.13 12.85
C GLN A 157 -12.75 -4.36 13.80
N ALA A 158 -13.02 -4.91 14.98
CA ALA A 158 -13.91 -4.19 15.90
C ALA A 158 -13.26 -2.93 16.43
N ILE A 159 -11.93 -2.94 16.62
CA ILE A 159 -11.25 -1.71 16.98
C ILE A 159 -11.41 -0.68 15.87
N VAL A 160 -11.17 -1.09 14.63
CA VAL A 160 -11.33 -0.17 13.53
C VAL A 160 -12.76 0.34 13.43
N ASP A 161 -13.76 -0.57 13.57
CA ASP A 161 -15.14 -0.17 13.43
C ASP A 161 -15.53 0.78 14.52
N GLY A 162 -14.87 0.75 15.68
CA GLY A 162 -15.14 1.64 16.78
C GLY A 162 -14.41 2.95 16.70
N PHE A 163 -13.66 3.20 15.63
CA PHE A 163 -12.86 4.42 15.55
C PHE A 163 -13.68 5.51 14.85
N GLU A 164 -13.79 6.70 15.45
CA GLU A 164 -14.81 7.69 15.14
C GLU A 164 -14.46 8.68 14.05
N ASP A 165 -13.20 9.00 13.76
CA ASP A 165 -12.94 10.12 12.83
C ASP A 165 -12.85 9.60 11.42
N ALA A 166 -13.90 9.87 10.65
CA ALA A 166 -14.01 9.37 9.29
C ALA A 166 -12.85 9.79 8.38
N GLU A 167 -12.19 10.89 8.65
CA GLU A 167 -11.14 11.36 7.78
C GLU A 167 -9.92 10.46 7.80
N VAL A 168 -9.78 9.58 8.76
CA VAL A 168 -8.52 8.83 8.90
C VAL A 168 -8.52 7.63 7.98
N LEU A 169 -9.60 6.87 7.97
CA LEU A 169 -9.73 5.67 7.17
C LEU A 169 -10.91 5.65 6.25
N LEU A 170 -11.96 6.40 6.52
CA LEU A 170 -13.17 6.28 5.73
C LEU A 170 -13.21 7.22 4.54
N ARG A 171 -12.61 8.34 4.65
CA ARG A 171 -12.62 9.35 3.64
C ARG A 171 -11.21 9.88 3.49
N VAL A 172 -10.33 9.05 2.91
CA VAL A 172 -8.95 9.41 2.75
C VAL A 172 -8.78 10.08 1.41
N HIS A 173 -8.17 11.26 1.40
CA HIS A 173 -8.03 12.01 0.18
C HIS A 173 -6.61 11.81 -0.33
N THR A 174 -6.45 11.13 -1.46
CA THR A 174 -5.11 10.91 -1.97
C THR A 174 -4.51 12.21 -2.43
N GLU A 175 -3.23 12.27 -2.46
CA GLU A 175 -2.45 13.44 -2.74
C GLU A 175 -1.44 13.21 -3.86
N GLN A 176 -0.81 12.06 -3.91
CA GLN A 176 0.39 11.89 -4.71
C GLN A 176 0.58 10.42 -5.04
N VAL A 177 1.42 10.19 -5.99
CA VAL A 177 1.96 8.89 -6.34
C VAL A 177 3.46 8.99 -6.17
N ARG A 178 4.08 7.92 -5.77
CA ARG A 178 5.51 7.89 -5.58
C ARG A 178 6.09 6.64 -6.20
N CYS A 179 7.25 6.80 -6.73
CA CYS A 179 8.02 5.72 -7.26
C CYS A 179 9.28 5.57 -6.44
N LYS A 180 9.51 4.43 -5.85
CA LYS A 180 10.77 4.02 -5.23
C LYS A 180 11.57 3.40 -6.32
N SER A 181 12.82 3.75 -6.38
CA SER A 181 13.78 3.01 -7.18
C SER A 181 15.08 2.94 -6.40
N GLY A 182 15.43 1.80 -5.96
CA GLY A 182 16.54 1.64 -5.05
C GLY A 182 16.29 2.41 -3.79
N ASN A 183 17.21 3.29 -3.47
CA ASN A 183 17.16 4.14 -2.31
C ASN A 183 16.54 5.46 -2.62
N LYS A 184 16.08 5.67 -3.83
CA LYS A 184 15.55 6.93 -4.28
C LYS A 184 14.04 6.91 -4.35
N PHE A 185 13.42 8.03 -4.05
CA PHE A 185 11.96 8.12 -3.98
C PHE A 185 11.49 9.35 -4.71
N PHE A 186 10.69 9.15 -5.73
CA PHE A 186 10.28 10.19 -6.64
C PHE A 186 8.79 10.36 -6.54
N SER A 187 8.37 11.53 -6.11
CA SER A 187 7.00 11.85 -5.84
C SER A 187 6.38 12.64 -6.97
N MET A 188 5.08 12.56 -7.07
CA MET A 188 4.40 13.35 -8.08
C MET A 188 2.98 13.62 -7.63
N PRO A 189 2.44 14.77 -7.90
CA PRO A 189 1.12 15.12 -7.40
C PRO A 189 0.07 14.54 -8.28
N LEU A 190 -1.05 14.24 -7.64
CA LEU A 190 -2.32 14.06 -8.33
C LEU A 190 -3.02 15.40 -8.37
N LYS A 191 -3.86 15.60 -9.36
CA LYS A 191 -4.45 16.90 -9.56
C LYS A 191 -5.54 17.35 -8.57
#